data_8JCR
#
_entry.id   8JCR
#
_cell.length_a   68.675
_cell.length_b   120.980
_cell.length_c   61.024
_cell.angle_alpha   90.000
_cell.angle_beta   90.000
_cell.angle_gamma   90.000
#
_symmetry.space_group_name_H-M   'C 2 2 21'
#
loop_
_entity.id
_entity.type
_entity.pdbx_description
1 polymer 'Procerain, Calotropain FI'
2 non-polymer GLYCEROL
3 non-polymer N-[N-[1-HYDROXYCARBOXYETHYL-CARBONYL]LEUCYLAMINO-BUTYL]-GUANIDINE
4 water water
#
_entity_poly.entity_id   1
_entity_poly.type   'polypeptide(L)'
_entity_poly.pdbx_seq_one_letter_code
;FPVPPSVDWREKGALVPIKNQGRCGSCWAFSAVASVEALNKIKGGELISLSEQMMVDCVNASYGCKGGRQTDAFKYIKVH
GIASSKDYPYVGVQGPCQPKEIVLKISGYRGIVRNNEKYLQIIASQQVVSISIKVGKDFQHYKSGIFNGTCGDKINHGVN
VVGYGSENGIPYWIVRNSWGKGWGEQGYIRMRRNTSNPAG(CME)CGVAITPTFPVID
;
_entity_poly.pdbx_strand_id   A
#
# COMPACT_ATOMS: atom_id res chain seq x y z
N PHE A 1 4.48 -16.71 -16.51
CA PHE A 1 4.81 -16.94 -15.10
C PHE A 1 3.64 -17.71 -14.48
N PRO A 2 3.94 -18.81 -13.78
CA PRO A 2 2.88 -19.61 -13.14
C PRO A 2 2.36 -18.91 -11.88
N VAL A 3 1.06 -18.64 -11.87
CA VAL A 3 0.45 -17.76 -10.90
C VAL A 3 -0.51 -18.58 -10.04
N PRO A 4 -0.38 -18.59 -8.71
CA PRO A 4 -1.32 -19.34 -7.86
C PRO A 4 -2.71 -18.73 -7.93
N PRO A 5 -3.76 -19.54 -7.75
CA PRO A 5 -5.12 -18.98 -7.79
C PRO A 5 -5.41 -18.06 -6.65
N SER A 6 -4.72 -18.15 -5.52
CA SER A 6 -4.96 -17.22 -4.42
C SER A 6 -3.64 -16.98 -3.69
N VAL A 7 -3.51 -15.80 -3.11
CA VAL A 7 -2.30 -15.39 -2.39
C VAL A 7 -2.74 -14.47 -1.27
N ASP A 8 -2.13 -14.63 -0.10
CA ASP A 8 -2.43 -13.71 1.03
C ASP A 8 -1.12 -13.50 1.79
N TRP A 9 -0.46 -12.37 1.54
CA TRP A 9 0.84 -12.16 2.19
C TRP A 9 0.74 -12.02 3.71
N ARG A 10 -0.47 -11.80 4.25
CA ARG A 10 -0.59 -11.82 5.70
C ARG A 10 -0.33 -13.20 6.26
N GLU A 11 -0.71 -14.26 5.51
CA GLU A 11 -0.44 -15.62 5.99
C GLU A 11 1.02 -16.00 5.95
N LYS A 12 1.84 -15.26 5.20
CA LYS A 12 3.27 -15.47 5.14
C LYS A 12 4.02 -14.57 6.11
N GLY A 13 3.28 -13.83 6.93
CA GLY A 13 3.93 -13.04 7.93
C GLY A 13 4.59 -11.80 7.39
N ALA A 14 4.10 -11.26 6.26
CA ALA A 14 4.78 -10.12 5.66
C ALA A 14 4.11 -8.81 5.92
N LEU A 15 3.04 -8.75 6.71
CA LEU A 15 2.39 -7.50 7.04
C LEU A 15 2.41 -7.23 8.54
N VAL A 16 2.87 -6.03 8.91
CA VAL A 16 2.76 -5.59 10.29
C VAL A 16 1.31 -5.29 10.56
N PRO A 17 0.93 -5.08 11.83
CA PRO A 17 -0.48 -4.78 12.11
C PRO A 17 -0.93 -3.51 11.41
N ILE A 18 -2.22 -3.45 11.12
CA ILE A 18 -2.81 -2.30 10.47
C ILE A 18 -2.55 -1.02 11.27
N LYS A 19 -2.32 0.07 10.54
CA LYS A 19 -2.06 1.39 11.13
C LYS A 19 -3.21 2.32 10.80
N ASN A 20 -3.16 3.49 11.45
CA ASN A 20 -4.20 4.52 11.28
C ASN A 20 -3.49 5.83 10.99
N GLN A 21 -3.67 6.34 9.76
CA GLN A 21 -3.01 7.61 9.39
C GLN A 21 -3.68 8.81 10.06
N GLY A 22 -4.87 8.65 10.64
CA GLY A 22 -5.51 9.79 11.28
C GLY A 22 -5.97 10.82 10.25
N ARG A 23 -6.07 12.07 10.70
CA ARG A 23 -6.58 13.14 9.84
C ARG A 23 -5.55 13.67 8.84
N CYS A 24 -4.35 13.18 8.93
CA CYS A 24 -3.26 13.65 8.09
C CYS A 24 -3.35 12.99 6.72
N GLY A 25 -3.16 13.78 5.66
CA GLY A 25 -3.19 13.26 4.29
C GLY A 25 -1.89 12.62 3.85
N SER A 26 -1.55 11.54 4.55
CA SER A 26 -0.27 10.87 4.37
C SER A 26 -0.44 9.49 3.72
N CYS A 27 -1.57 9.24 3.03
CA CYS A 27 -1.75 7.90 2.46
C CYS A 27 -0.62 7.50 1.52
N TRP A 28 -0.02 8.48 0.82
CA TRP A 28 1.10 8.18 -0.07
C TRP A 28 2.23 7.47 0.68
N ALA A 29 2.51 7.92 1.90
CA ALA A 29 3.57 7.35 2.73
C ALA A 29 3.16 5.98 3.24
N PHE A 30 1.91 5.82 3.73
CA PHE A 30 1.49 4.49 4.18
C PHE A 30 1.55 3.49 3.04
N SER A 31 1.08 3.89 1.86
CA SER A 31 1.11 2.95 0.74
C SER A 31 2.53 2.58 0.34
N ALA A 32 3.46 3.53 0.35
CA ALA A 32 4.82 3.14 0.01
C ALA A 32 5.44 2.25 1.08
N VAL A 33 5.26 2.66 2.35
CA VAL A 33 5.94 1.97 3.44
C VAL A 33 5.48 0.53 3.57
N ALA A 34 4.18 0.25 3.46
CA ALA A 34 3.74 -1.13 3.64
C ALA A 34 4.39 -2.02 2.60
N SER A 35 4.54 -1.51 1.36
CA SER A 35 5.18 -2.34 0.36
C SER A 35 6.64 -2.61 0.70
N VAL A 36 7.34 -1.61 1.24
CA VAL A 36 8.75 -1.82 1.63
C VAL A 36 8.86 -2.77 2.82
N GLU A 37 7.98 -2.60 3.82
CA GLU A 37 8.01 -3.51 4.96
C GLU A 37 7.87 -4.96 4.51
N ALA A 38 6.88 -5.20 3.65
CA ALA A 38 6.64 -6.57 3.21
C ALA A 38 7.78 -7.12 2.38
N LEU A 39 8.34 -6.28 1.50
CA LEU A 39 9.42 -6.81 0.67
C LEU A 39 10.62 -7.16 1.53
N ASN A 40 10.90 -6.34 2.55
CA ASN A 40 12.04 -6.68 3.42
C ASN A 40 11.87 -8.08 4.02
N LYS A 41 10.67 -8.39 4.54
CA LYS A 41 10.42 -9.73 5.07
C LYS A 41 10.49 -10.81 4.01
N ILE A 42 9.85 -10.57 2.86
CA ILE A 42 9.79 -11.58 1.80
C ILE A 42 11.20 -11.95 1.33
N LYS A 43 12.12 -10.99 1.31
CA LYS A 43 13.49 -11.25 0.84
C LYS A 43 14.35 -11.89 1.91
N GLY A 44 13.83 -12.09 3.12
CA GLY A 44 14.60 -12.80 4.14
C GLY A 44 14.97 -11.90 5.32
N GLY A 45 14.54 -10.65 5.36
CA GLY A 45 14.74 -9.81 6.52
C GLY A 45 13.72 -10.11 7.61
N GLU A 46 13.90 -9.46 8.77
CA GLU A 46 12.93 -9.59 9.85
C GLU A 46 11.78 -8.66 9.58
N LEU A 47 10.54 -9.07 9.90
CA LEU A 47 9.43 -8.15 9.74
C LEU A 47 9.55 -7.02 10.76
N ILE A 48 9.63 -5.80 10.27
N ILE A 48 9.64 -5.80 10.24
CA ILE A 48 9.76 -4.65 11.15
CA ILE A 48 9.84 -4.59 11.04
C ILE A 48 8.92 -3.50 10.61
C ILE A 48 8.83 -3.55 10.56
N SER A 49 8.13 -2.91 11.51
CA SER A 49 7.32 -1.76 11.16
C SER A 49 8.19 -0.53 10.95
N LEU A 50 7.97 0.13 9.79
CA LEU A 50 8.81 1.25 9.37
C LEU A 50 8.04 2.56 9.40
N SER A 51 8.79 3.67 9.43
CA SER A 51 8.23 4.95 9.84
C SER A 51 7.61 5.75 8.70
N GLU A 52 6.27 5.78 8.63
CA GLU A 52 5.64 6.77 7.75
C GLU A 52 5.94 8.17 8.21
N GLN A 53 6.12 8.37 9.53
CA GLN A 53 6.39 9.74 9.99
C GLN A 53 7.66 10.29 9.37
N MET A 54 8.69 9.47 9.26
CA MET A 54 9.94 9.90 8.60
C MET A 54 9.67 10.29 7.17
N MET A 55 8.78 9.57 6.47
CA MET A 55 8.47 10.01 5.11
C MET A 55 7.76 11.35 5.12
N VAL A 56 6.73 11.49 5.96
CA VAL A 56 5.99 12.76 6.02
C VAL A 56 6.96 13.91 6.28
N ASP A 57 7.91 13.71 7.21
CA ASP A 57 8.77 14.81 7.63
C ASP A 57 9.93 15.07 6.69
N CYS A 58 10.42 14.04 6.01
CA CYS A 58 11.70 14.17 5.31
C CYS A 58 11.63 14.20 3.79
N VAL A 59 10.53 13.71 3.22
CA VAL A 59 10.43 13.59 1.75
C VAL A 59 9.92 14.93 1.22
N ASN A 60 10.85 15.85 0.95
CA ASN A 60 10.42 17.19 0.56
C ASN A 60 9.89 17.27 -0.87
N ALA A 61 9.98 16.19 -1.66
CA ALA A 61 9.31 16.19 -2.96
C ALA A 61 7.80 16.02 -2.79
N SER A 62 7.37 15.50 -1.64
CA SER A 62 5.95 15.37 -1.29
C SER A 62 5.57 16.44 -0.27
N TYR A 63 4.33 16.41 0.23
CA TYR A 63 3.76 17.57 0.91
C TYR A 63 3.25 17.17 2.30
N GLY A 64 3.90 16.14 2.91
CA GLY A 64 3.60 15.88 4.32
C GLY A 64 2.17 15.40 4.53
N CYS A 65 1.40 16.10 5.36
CA CYS A 65 0.00 15.75 5.55
C CYS A 65 -0.90 16.35 4.48
N LYS A 66 -0.31 17.00 3.50
CA LYS A 66 -1.06 17.60 2.40
C LYS A 66 -0.92 16.81 1.11
N GLY A 67 -0.50 15.56 1.20
CA GLY A 67 -0.49 14.66 0.07
C GLY A 67 0.92 14.44 -0.44
N GLY A 68 1.03 13.52 -1.41
CA GLY A 68 2.35 13.14 -1.88
C GLY A 68 2.24 11.99 -2.86
N ARG A 69 3.39 11.34 -3.07
CA ARG A 69 3.52 10.31 -4.09
C ARG A 69 4.27 9.13 -3.51
N GLN A 70 3.70 7.93 -3.69
CA GLN A 70 4.42 6.73 -3.29
C GLN A 70 5.83 6.72 -3.87
N THR A 71 5.96 7.13 -5.13
CA THR A 71 7.27 7.09 -5.79
C THR A 71 8.24 8.06 -5.16
N ASP A 72 7.77 9.19 -4.59
CA ASP A 72 8.73 10.09 -3.90
C ASP A 72 9.27 9.39 -2.67
N ALA A 73 8.43 8.61 -1.98
CA ALA A 73 8.93 7.89 -0.80
C ALA A 73 9.89 6.79 -1.23
N PHE A 74 9.59 6.04 -2.31
CA PHE A 74 10.53 5.02 -2.75
C PHE A 74 11.88 5.65 -3.09
N LYS A 75 11.89 6.76 -3.83
CA LYS A 75 13.16 7.44 -4.17
C LYS A 75 13.92 7.82 -2.91
N TYR A 76 13.22 8.33 -1.91
CA TYR A 76 13.91 8.72 -0.69
C TYR A 76 14.46 7.52 0.04
N ILE A 77 13.69 6.44 0.11
CA ILE A 77 14.17 5.26 0.81
C ILE A 77 15.37 4.65 0.10
N LYS A 78 15.43 4.80 -1.23
CA LYS A 78 16.61 4.35 -1.98
C LYS A 78 17.85 5.13 -1.57
N VAL A 79 17.72 6.45 -1.49
CA VAL A 79 18.92 7.27 -1.29
C VAL A 79 19.30 7.37 0.19
N HIS A 80 18.32 7.56 1.06
CA HIS A 80 18.58 7.85 2.46
C HIS A 80 18.08 6.76 3.40
N GLY A 81 17.20 5.90 2.96
CA GLY A 81 16.71 4.84 3.85
C GLY A 81 15.50 5.25 4.65
N ILE A 82 15.13 4.35 5.58
CA ILE A 82 13.96 4.59 6.44
C ILE A 82 14.21 3.95 7.80
N ALA A 83 13.77 4.67 8.84
CA ALA A 83 13.89 4.25 10.23
C ALA A 83 12.67 3.42 10.65
N SER A 84 12.79 2.76 11.81
CA SER A 84 11.68 2.00 12.35
C SER A 84 10.60 2.90 12.94
N SER A 85 9.36 2.36 13.00
CA SER A 85 8.28 3.06 13.70
C SER A 85 8.62 3.23 15.17
N LYS A 86 9.27 2.23 15.77
CA LYS A 86 9.63 2.35 17.17
C LYS A 86 10.49 3.58 17.40
N ASP A 87 11.47 3.81 16.51
CA ASP A 87 12.37 4.93 16.75
C ASP A 87 11.76 6.25 16.30
N TYR A 88 10.82 6.21 15.34
CA TYR A 88 10.29 7.41 14.71
C TYR A 88 8.77 7.24 14.62
N PRO A 89 8.08 7.35 15.75
CA PRO A 89 6.65 7.00 15.77
C PRO A 89 5.77 7.96 15.02
N TYR A 90 4.61 7.44 14.63
CA TYR A 90 3.67 8.25 13.84
C TYR A 90 2.83 9.14 14.73
N VAL A 91 2.86 10.43 14.46
CA VAL A 91 2.04 11.37 15.21
C VAL A 91 0.98 12.07 14.34
N GLY A 92 1.03 11.90 13.03
CA GLY A 92 -0.07 12.41 12.21
C GLY A 92 -0.05 13.90 11.99
N VAL A 93 1.12 14.53 12.18
N VAL A 93 1.13 14.52 12.10
CA VAL A 93 1.34 15.94 11.91
CA VAL A 93 1.29 15.92 11.79
C VAL A 93 2.76 15.99 11.35
C VAL A 93 2.77 16.14 11.48
N GLN A 94 3.03 16.98 10.48
CA GLN A 94 4.39 17.14 9.97
C GLN A 94 5.25 17.91 10.95
N GLY A 95 6.45 17.37 11.20
CA GLY A 95 7.43 18.05 12.01
C GLY A 95 8.74 18.11 11.25
N PRO A 96 9.82 18.51 11.91
CA PRO A 96 11.12 18.49 11.24
C PRO A 96 11.55 17.07 10.95
N CYS A 97 12.41 16.93 9.96
CA CYS A 97 13.00 15.63 9.65
C CYS A 97 14.00 15.27 10.74
N GLN A 98 13.64 14.27 11.54
CA GLN A 98 14.47 13.94 12.69
C GLN A 98 15.47 12.85 12.32
N PRO A 99 16.69 12.96 12.79
CA PRO A 99 17.69 11.94 12.47
C PRO A 99 17.48 10.71 13.35
N LYS A 100 17.50 9.53 12.72
CA LYS A 100 17.25 8.29 13.43
C LYS A 100 18.07 7.22 12.72
N GLU A 101 18.31 6.12 13.42
CA GLU A 101 18.97 4.98 12.79
C GLU A 101 18.16 4.47 11.58
N ILE A 102 18.84 4.19 10.48
CA ILE A 102 18.24 3.64 9.29
C ILE A 102 18.12 2.10 9.42
N VAL A 103 16.93 1.54 9.15
CA VAL A 103 16.75 0.07 9.12
C VAL A 103 17.27 -0.49 7.81
N LEU A 104 16.86 0.11 6.70
N LEU A 104 16.87 0.10 6.69
CA LEU A 104 17.21 -0.41 5.39
CA LEU A 104 17.26 -0.41 5.40
C LEU A 104 17.11 0.72 4.38
C LEU A 104 17.03 0.66 4.34
N LYS A 105 17.73 0.48 3.21
CA LYS A 105 17.44 1.19 1.98
C LYS A 105 16.86 0.21 1.00
N ILE A 106 16.19 0.73 -0.02
CA ILE A 106 15.80 -0.10 -1.17
C ILE A 106 16.67 0.30 -2.36
N SER A 107 16.51 -0.41 -3.50
CA SER A 107 17.33 -0.19 -4.66
C SER A 107 16.64 0.61 -5.74
N GLY A 108 15.32 0.73 -5.67
CA GLY A 108 14.59 1.37 -6.75
C GLY A 108 13.14 0.93 -6.62
N TYR A 109 12.43 1.18 -7.70
CA TYR A 109 11.01 0.79 -7.79
C TYR A 109 10.70 0.58 -9.27
N ARG A 110 9.55 -0.05 -9.49
CA ARG A 110 9.05 -0.33 -10.82
C ARG A 110 7.56 -0.03 -10.83
N GLY A 111 7.04 0.19 -12.04
CA GLY A 111 5.61 0.31 -12.27
C GLY A 111 5.16 -0.92 -12.99
N ILE A 112 3.85 -1.08 -13.05
CA ILE A 112 3.22 -2.11 -13.86
C ILE A 112 2.51 -1.35 -14.99
N VAL A 113 2.51 -1.91 -16.21
N VAL A 113 2.53 -1.91 -16.20
CA VAL A 113 1.72 -1.33 -17.29
CA VAL A 113 1.74 -1.30 -17.26
C VAL A 113 0.29 -1.06 -16.81
C VAL A 113 0.30 -1.04 -16.77
N ARG A 114 -0.23 0.13 -17.13
CA ARG A 114 -1.51 0.55 -16.58
C ARG A 114 -2.64 -0.33 -17.11
N ASN A 115 -3.65 -0.48 -16.26
CA ASN A 115 -4.94 -1.03 -16.70
C ASN A 115 -4.80 -2.49 -17.12
N ASN A 116 -4.05 -3.26 -16.30
CA ASN A 116 -3.85 -4.67 -16.65
C ASN A 116 -3.89 -5.47 -15.34
N GLU A 117 -5.11 -5.87 -14.97
CA GLU A 117 -5.27 -6.59 -13.71
C GLU A 117 -4.54 -7.94 -13.69
N LYS A 118 -4.38 -8.59 -14.84
CA LYS A 118 -3.64 -9.85 -14.82
C LYS A 118 -2.15 -9.60 -14.61
N TYR A 119 -1.62 -8.47 -15.09
CA TYR A 119 -0.23 -8.13 -14.79
C TYR A 119 -0.09 -7.74 -13.31
N LEU A 120 -1.09 -7.02 -12.75
CA LEU A 120 -1.05 -6.73 -11.33
C LEU A 120 -1.05 -8.03 -10.53
N GLN A 121 -1.81 -9.03 -10.96
CA GLN A 121 -1.87 -10.33 -10.29
C GLN A 121 -0.49 -10.98 -10.28
N ILE A 122 0.25 -10.91 -11.41
CA ILE A 122 1.55 -11.54 -11.47
C ILE A 122 2.48 -10.92 -10.44
N ILE A 123 2.51 -9.59 -10.31
CA ILE A 123 3.36 -9.00 -9.29
C ILE A 123 2.82 -9.27 -7.89
N ALA A 124 1.49 -9.20 -7.71
CA ALA A 124 0.94 -9.40 -6.38
C ALA A 124 1.21 -10.80 -5.87
N SER A 125 1.41 -11.80 -6.77
CA SER A 125 1.76 -13.12 -6.31
C SER A 125 3.16 -13.17 -5.71
N GLN A 126 3.97 -12.14 -5.93
CA GLN A 126 5.37 -12.15 -5.49
C GLN A 126 5.67 -11.17 -4.36
N GLN A 127 4.86 -10.13 -4.20
CA GLN A 127 5.10 -9.13 -3.16
C GLN A 127 3.89 -8.24 -3.03
N VAL A 128 3.95 -7.36 -2.02
CA VAL A 128 2.89 -6.37 -1.81
C VAL A 128 3.06 -5.22 -2.81
N VAL A 129 1.95 -4.72 -3.35
CA VAL A 129 1.97 -3.71 -4.41
C VAL A 129 1.35 -2.43 -3.88
N SER A 130 1.92 -1.29 -4.21
CA SER A 130 1.28 -0.01 -3.92
C SER A 130 0.35 0.36 -5.06
N ILE A 131 -0.87 0.79 -4.73
CA ILE A 131 -1.82 1.18 -5.77
C ILE A 131 -2.53 2.44 -5.30
N SER A 132 -3.20 3.12 -6.24
CA SER A 132 -3.97 4.33 -5.90
C SER A 132 -5.35 4.16 -6.49
N ILE A 133 -6.36 4.50 -5.68
CA ILE A 133 -7.75 4.26 -6.04
C ILE A 133 -8.58 5.53 -5.85
N LYS A 134 -9.83 5.46 -6.36
CA LYS A 134 -10.76 6.59 -6.39
C LYS A 134 -11.80 6.34 -5.31
N VAL A 135 -11.58 6.91 -4.13
CA VAL A 135 -12.43 6.69 -2.95
C VAL A 135 -13.56 7.71 -2.92
N GLY A 136 -14.79 7.23 -2.71
CA GLY A 136 -15.93 8.08 -2.42
C GLY A 136 -16.70 7.53 -1.24
N LYS A 137 -17.98 7.88 -1.15
CA LYS A 137 -18.81 7.56 0.01
C LYS A 137 -18.95 6.05 0.19
N ASP A 138 -19.22 5.31 -0.90
CA ASP A 138 -19.44 3.88 -0.75
C ASP A 138 -18.20 3.18 -0.21
N PHE A 139 -17.02 3.56 -0.69
CA PHE A 139 -15.80 2.98 -0.15
C PHE A 139 -15.62 3.37 1.32
N GLN A 140 -15.85 4.64 1.65
CA GLN A 140 -15.71 5.08 3.04
C GLN A 140 -16.56 4.22 3.97
N HIS A 141 -17.77 3.88 3.53
CA HIS A 141 -18.73 3.17 4.38
C HIS A 141 -18.60 1.64 4.28
N TYR A 142 -17.60 1.10 3.62
CA TYR A 142 -17.43 -0.34 3.48
C TYR A 142 -17.23 -0.97 4.85
N LYS A 143 -17.93 -2.09 5.07
CA LYS A 143 -17.81 -2.83 6.31
C LYS A 143 -17.29 -4.23 6.08
N SER A 144 -17.89 -5.00 5.14
CA SER A 144 -17.42 -6.37 4.92
C SER A 144 -17.91 -6.80 3.56
N GLY A 145 -17.37 -7.92 3.12
CA GLY A 145 -17.76 -8.57 1.86
C GLY A 145 -16.82 -8.17 0.72
N ILE A 146 -17.23 -8.53 -0.49
CA ILE A 146 -16.50 -8.11 -1.69
C ILE A 146 -17.11 -6.80 -2.18
N PHE A 147 -16.33 -5.74 -2.07
CA PHE A 147 -16.79 -4.42 -2.47
C PHE A 147 -17.00 -4.33 -3.98
N ASN A 148 -18.12 -3.77 -4.39
CA ASN A 148 -18.48 -3.56 -5.78
CA ASN A 148 -18.47 -3.55 -5.79
C ASN A 148 -19.29 -2.27 -5.90
N GLY A 149 -19.10 -1.34 -4.94
CA GLY A 149 -19.89 -0.12 -4.79
C GLY A 149 -19.44 0.88 -5.83
N THR A 150 -19.99 2.07 -5.71
CA THR A 150 -19.53 3.11 -6.60
C THR A 150 -18.19 3.65 -6.12
N CYS A 151 -17.63 4.52 -6.96
CA CYS A 151 -16.27 5.02 -6.77
C CYS A 151 -16.29 6.54 -6.70
N GLY A 152 -15.20 7.11 -6.18
CA GLY A 152 -15.02 8.53 -6.29
C GLY A 152 -14.67 8.96 -7.71
N ASP A 153 -14.60 10.26 -7.90
CA ASP A 153 -14.38 10.79 -9.25
C ASP A 153 -12.90 10.99 -9.56
N LYS A 154 -12.03 10.98 -8.55
CA LYS A 154 -10.63 11.27 -8.77
C LYS A 154 -9.77 10.25 -8.02
N ILE A 155 -8.59 9.96 -8.58
CA ILE A 155 -7.63 9.12 -7.88
C ILE A 155 -7.13 9.87 -6.67
N ASN A 156 -7.43 9.37 -5.47
CA ASN A 156 -7.23 10.21 -4.29
C ASN A 156 -6.79 9.42 -3.07
N HIS A 157 -6.54 8.14 -3.15
CA HIS A 157 -6.14 7.43 -1.93
C HIS A 157 -5.22 6.27 -2.28
N GLY A 158 -4.05 6.27 -1.66
CA GLY A 158 -3.07 5.21 -1.86
C GLY A 158 -3.26 4.11 -0.83
N VAL A 159 -3.26 2.87 -1.31
CA VAL A 159 -3.50 1.66 -0.51
C VAL A 159 -2.54 0.57 -1.00
N ASN A 160 -2.75 -0.68 -0.58
CA ASN A 160 -1.82 -1.71 -1.01
C ASN A 160 -2.56 -2.99 -1.38
N VAL A 161 -2.11 -3.69 -2.41
CA VAL A 161 -2.62 -5.04 -2.71
C VAL A 161 -1.73 -6.01 -1.93
N VAL A 162 -2.33 -6.79 -1.01
CA VAL A 162 -1.60 -7.78 -0.24
C VAL A 162 -1.97 -9.20 -0.63
N GLY A 163 -2.84 -9.36 -1.62
CA GLY A 163 -3.12 -10.68 -2.16
C GLY A 163 -4.39 -10.63 -2.98
N TYR A 164 -4.92 -11.83 -3.25
CA TYR A 164 -6.09 -11.95 -4.12
C TYR A 164 -6.66 -13.35 -3.92
N GLY A 165 -7.92 -13.52 -4.31
CA GLY A 165 -8.55 -14.82 -4.13
C GLY A 165 -9.91 -14.80 -4.80
N SER A 166 -10.76 -15.73 -4.41
CA SER A 166 -12.13 -15.74 -4.95
C SER A 166 -13.05 -16.35 -3.91
N GLU A 167 -14.31 -15.93 -3.95
CA GLU A 167 -15.31 -16.44 -3.01
C GLU A 167 -16.55 -16.76 -3.84
N ASN A 168 -16.99 -18.02 -3.83
CA ASN A 168 -18.15 -18.40 -4.63
C ASN A 168 -18.00 -17.97 -6.09
N GLY A 169 -16.77 -18.09 -6.59
CA GLY A 169 -16.51 -17.78 -7.99
C GLY A 169 -16.37 -16.31 -8.30
N ILE A 170 -16.41 -15.45 -7.29
CA ILE A 170 -16.25 -14.01 -7.50
C ILE A 170 -14.81 -13.65 -7.13
N PRO A 171 -13.98 -13.20 -8.08
CA PRO A 171 -12.58 -12.89 -7.75
C PRO A 171 -12.49 -11.55 -7.05
N TYR A 172 -11.47 -11.43 -6.16
CA TYR A 172 -11.23 -10.16 -5.46
C TYR A 172 -9.75 -9.91 -5.26
N TRP A 173 -9.43 -8.65 -4.97
CA TRP A 173 -8.15 -8.24 -4.44
C TRP A 173 -8.25 -8.06 -2.94
N ILE A 174 -7.21 -8.42 -2.18
CA ILE A 174 -7.15 -8.11 -0.75
C ILE A 174 -6.38 -6.80 -0.64
N VAL A 175 -7.03 -5.78 -0.12
CA VAL A 175 -6.44 -4.42 -0.12
C VAL A 175 -6.25 -3.94 1.32
N ARG A 176 -5.02 -3.57 1.66
CA ARG A 176 -4.71 -2.99 2.98
C ARG A 176 -4.97 -1.50 2.93
N ASN A 177 -5.66 -1.01 3.97
CA ASN A 177 -5.94 0.42 4.13
C ASN A 177 -5.27 0.87 5.41
N SER A 178 -5.22 2.19 5.59
CA SER A 178 -4.54 2.87 6.71
C SER A 178 -5.55 3.67 7.56
N TRP A 179 -6.73 3.10 7.76
CA TRP A 179 -7.79 3.74 8.56
C TRP A 179 -8.06 3.01 9.87
N GLY A 180 -7.05 2.31 10.38
CA GLY A 180 -7.19 1.59 11.62
C GLY A 180 -7.89 0.24 11.44
N LYS A 181 -7.87 -0.57 12.52
CA LYS A 181 -8.41 -1.93 12.47
C LYS A 181 -9.92 -1.92 12.58
N GLY A 182 -10.52 -0.80 12.95
CA GLY A 182 -11.96 -0.77 13.08
C GLY A 182 -12.71 -0.52 11.79
N TRP A 183 -12.01 -0.25 10.70
CA TRP A 183 -12.60 0.00 9.39
C TRP A 183 -12.54 -1.27 8.57
N GLY A 184 -13.65 -1.62 7.92
CA GLY A 184 -13.59 -2.74 7.00
C GLY A 184 -13.42 -4.09 7.71
N GLU A 185 -12.72 -5.02 7.03
CA GLU A 185 -12.50 -6.37 7.57
C GLU A 185 -11.16 -6.31 8.31
N GLN A 186 -11.21 -5.88 9.56
CA GLN A 186 -10.00 -5.69 10.39
C GLN A 186 -8.98 -4.80 9.71
N GLY A 187 -9.47 -3.78 8.97
CA GLY A 187 -8.59 -2.77 8.36
C GLY A 187 -8.40 -2.97 6.88
N TYR A 188 -8.85 -4.10 6.34
CA TYR A 188 -8.71 -4.49 4.93
C TYR A 188 -10.03 -4.39 4.21
N ILE A 189 -9.97 -4.33 2.88
CA ILE A 189 -11.16 -4.40 2.04
C ILE A 189 -10.89 -5.38 0.92
N ARG A 190 -11.83 -6.28 0.67
CA ARG A 190 -11.77 -7.10 -0.54
C ARG A 190 -12.53 -6.37 -1.64
N MET A 191 -11.86 -6.14 -2.77
CA MET A 191 -12.45 -5.37 -3.87
C MET A 191 -12.59 -6.28 -5.08
N ARG A 192 -13.70 -6.16 -5.79
CA ARG A 192 -13.92 -7.01 -6.93
CA ARG A 192 -13.93 -7.00 -6.95
C ARG A 192 -12.74 -6.92 -7.91
N ARG A 193 -12.32 -8.07 -8.44
CA ARG A 193 -11.19 -8.19 -9.35
C ARG A 193 -11.69 -8.64 -10.74
N ASN A 194 -10.88 -8.35 -11.76
CA ASN A 194 -11.18 -8.75 -13.14
C ASN A 194 -12.51 -8.14 -13.61
N THR A 195 -12.61 -6.81 -13.42
CA THR A 195 -13.82 -6.12 -13.86
C THR A 195 -13.80 -5.84 -15.36
N SER A 196 -14.95 -5.44 -15.89
CA SER A 196 -15.00 -5.13 -17.32
C SER A 196 -14.15 -3.93 -17.66
N ASN A 197 -14.14 -2.91 -16.80
CA ASN A 197 -13.31 -1.73 -17.02
C ASN A 197 -11.87 -2.12 -16.74
N PRO A 198 -10.94 -2.00 -17.69
CA PRO A 198 -9.58 -2.48 -17.41
C PRO A 198 -8.84 -1.66 -16.37
N ALA A 199 -9.31 -0.49 -15.98
CA ALA A 199 -8.72 0.22 -14.86
C ALA A 199 -8.93 -0.48 -13.52
N GLY A 200 -9.81 -1.46 -13.45
CA GLY A 200 -10.06 -2.16 -12.21
C GLY A 200 -11.00 -1.40 -11.31
N CYS A 202 -12.60 0.85 -8.89
CA CYS A 202 -12.20 2.17 -8.48
C CYS A 202 -10.76 2.48 -8.84
N GLY A 203 -10.28 1.93 -9.93
CA GLY A 203 -8.98 2.27 -10.44
C GLY A 203 -7.81 1.52 -9.86
N VAL A 204 -8.04 0.38 -9.20
N VAL A 204 -8.06 0.37 -9.22
CA VAL A 204 -6.91 -0.35 -8.60
CA VAL A 204 -6.98 -0.44 -8.63
C VAL A 204 -5.75 -0.56 -9.58
C VAL A 204 -5.79 -0.60 -9.58
N ALA A 205 -6.05 -0.81 -10.87
CA ALA A 205 -5.00 -1.14 -11.83
C ALA A 205 -4.41 0.09 -12.55
N ILE A 206 -4.81 1.31 -12.18
CA ILE A 206 -4.36 2.49 -12.95
C ILE A 206 -2.88 2.75 -12.77
N THR A 207 -2.38 2.69 -11.54
CA THR A 207 -1.00 3.11 -11.28
C THR A 207 -0.29 2.25 -10.22
N PRO A 208 -0.08 0.98 -10.49
CA PRO A 208 0.58 0.14 -9.47
C PRO A 208 2.07 0.36 -9.51
N THR A 209 2.67 0.41 -8.32
CA THR A 209 4.13 0.49 -8.24
C THR A 209 4.60 -0.42 -7.14
N PHE A 210 5.90 -0.78 -7.16
CA PHE A 210 6.44 -1.65 -6.12
C PHE A 210 7.92 -1.42 -5.98
N PRO A 211 8.45 -1.56 -4.77
CA PRO A 211 9.88 -1.38 -4.52
C PRO A 211 10.64 -2.62 -4.92
N VAL A 212 11.94 -2.43 -5.15
CA VAL A 212 12.85 -3.53 -5.41
C VAL A 212 14.07 -3.37 -4.50
N ILE A 213 14.64 -4.49 -4.10
CA ILE A 213 15.87 -4.54 -3.29
C ILE A 213 16.86 -5.45 -4.00
N ASP A 214 18.06 -4.92 -4.22
CA ASP A 214 19.28 -5.54 -4.76
C ASP A 214 19.41 -5.23 -6.23
#